data_7KHZ
#
_entry.id   7KHZ
#
_cell.length_a   44.420
_cell.length_b   88.310
_cell.length_c   125.350
_cell.angle_alpha   90.000
_cell.angle_beta   90.000
_cell.angle_gamma   90.000
#
_symmetry.space_group_name_H-M   'C 2 2 21'
#
loop_
_entity.id
_entity.type
_entity.pdbx_description
1 polymer Beta-lactamase
2 non-polymer '(5R)-5-[(1S,2R)-1-formyl-2-hydroxypropyl]-3-[(2-{[(E)-iminomethyl]amino}ethyl)sulfanyl]-4,5-dihydro-1H-pyrrole-2-carbox ylic acid'
3 non-polymer 'CHLORIDE ION'
4 non-polymer 'ZINC ION'
5 water water
#
_entity_poly.entity_id   1
_entity_poly.type   'polypeptide(L)'
_entity_poly.pdbx_seq_one_letter_code
;GHMWQENKSWNAHFTEHKSQGVVVLWNENKQQGFTNNLKRANQAFLPASTFAIPNSLIALDLGVVKDEHQVFKWDGQTRD
IATWNRDHNLITAMKYSVVPVYQEFARQIGEARMSKMLHAFDYGNEDISGNVDSFWLDGGIRISATEQISFLRKLYHNKL
HVSERSQRIVKQAMLTEANGDYIIRAKTGYDTKIGWWVGWVELDDNVWFFAMNMDMPTSDGLGLRQAITKEVLKQEKIIP
;
_entity_poly.pdbx_strand_id   A
#
loop_
_chem_comp.id
_chem_comp.type
_chem_comp.name
_chem_comp.formula
CL non-polymer 'CHLORIDE ION' 'Cl -1'
IM2 non-polymer '(5R)-5-[(1S,2R)-1-formyl-2-hydroxypropyl]-3-[(2-{[(E)-iminomethyl]amino}ethyl)sulfanyl]-4,5-dihydro-1H-pyrrole-2-carbox ylic acid' 'C12 H19 N3 O4 S'
ZN non-polymer 'ZINC ION' 'Zn 2'
#
# COMPACT_ATOMS: atom_id res chain seq x y z
N TRP A 4 -9.18 -10.02 -17.18
CA TRP A 4 -7.86 -9.41 -17.26
C TRP A 4 -7.39 -9.28 -18.71
N GLN A 5 -6.78 -8.14 -19.01
CA GLN A 5 -6.39 -7.80 -20.37
C GLN A 5 -5.00 -7.16 -20.35
N GLU A 6 -4.09 -7.69 -21.16
CA GLU A 6 -2.72 -7.22 -21.19
C GLU A 6 -2.58 -6.18 -22.30
N ASN A 7 -2.12 -4.99 -21.93
CA ASN A 7 -1.91 -3.89 -22.88
C ASN A 7 -0.40 -3.63 -22.92
N LYS A 8 0.30 -4.33 -23.82
CA LYS A 8 1.75 -4.24 -23.87
C LYS A 8 2.23 -2.84 -24.23
N SER A 9 1.36 -1.98 -24.75
CA SER A 9 1.76 -0.63 -25.11
C SER A 9 2.07 0.23 -23.90
N TRP A 10 1.57 -0.15 -22.72
CA TRP A 10 1.88 0.59 -21.50
C TRP A 10 3.36 0.49 -21.11
N ASN A 11 4.08 -0.50 -21.66
CA ASN A 11 5.50 -0.63 -21.34
C ASN A 11 6.30 0.60 -21.74
N ALA A 12 5.82 1.36 -22.72
CA ALA A 12 6.52 2.60 -23.10
C ALA A 12 6.65 3.55 -21.91
N HIS A 13 5.71 3.50 -20.97
CA HIS A 13 5.80 4.39 -19.82
C HIS A 13 6.98 4.00 -18.92
N PHE A 14 7.30 2.72 -18.83
CA PHE A 14 8.46 2.30 -18.07
C PHE A 14 9.75 2.54 -18.84
N THR A 15 9.80 2.12 -20.12
CA THR A 15 11.05 2.16 -20.86
C THR A 15 11.51 3.60 -21.12
N GLU A 16 10.58 4.52 -21.34
CA GLU A 16 10.97 5.90 -21.58
C GLU A 16 11.60 6.55 -20.35
N HIS A 17 11.51 5.93 -19.18
CA HIS A 17 12.24 6.33 -18.00
C HIS A 17 13.38 5.39 -17.65
N LYS A 18 13.82 4.57 -18.61
CA LYS A 18 14.82 3.53 -18.36
C LYS A 18 14.46 2.69 -17.13
N SER A 19 13.20 2.31 -17.03
CA SER A 19 12.69 1.60 -15.87
C SER A 19 12.00 0.30 -16.30
N GLN A 20 11.84 -0.61 -15.34
CA GLN A 20 11.10 -1.85 -15.56
C GLN A 20 10.16 -2.08 -14.39
N GLY A 21 8.94 -2.53 -14.69
CA GLY A 21 7.96 -2.76 -13.65
C GLY A 21 6.60 -3.06 -14.24
N VAL A 22 5.58 -3.01 -13.37
CA VAL A 22 4.21 -3.35 -13.75
C VAL A 22 3.23 -2.33 -13.17
N VAL A 23 2.20 -2.02 -13.94
CA VAL A 23 1.06 -1.24 -13.48
C VAL A 23 -0.19 -2.08 -13.70
N VAL A 24 -1.02 -2.21 -12.68
CA VAL A 24 -2.26 -2.96 -12.76
C VAL A 24 -3.42 -2.04 -12.38
N LEU A 25 -4.46 -2.04 -13.20
CA LEU A 25 -5.66 -1.25 -12.97
C LEU A 25 -6.88 -2.17 -12.92
N TRP A 26 -7.91 -1.74 -12.18
CA TRP A 26 -9.15 -2.51 -12.09
C TRP A 26 -10.33 -1.55 -12.11
N ASN A 27 -11.16 -1.69 -13.15
CA ASN A 27 -12.38 -0.89 -13.30
C ASN A 27 -13.47 -1.52 -12.45
N GLU A 28 -13.87 -0.85 -11.38
CA GLU A 28 -14.84 -1.45 -10.46
C GLU A 28 -16.21 -1.61 -11.12
N ASN A 29 -16.70 -0.57 -11.79
CA ASN A 29 -18.04 -0.62 -12.38
C ASN A 29 -18.15 -1.74 -13.41
N LYS A 30 -17.09 -1.99 -14.18
CA LYS A 30 -17.11 -3.00 -15.22
C LYS A 30 -16.51 -4.33 -14.80
N GLN A 31 -15.84 -4.39 -13.63
CA GLN A 31 -15.22 -5.62 -13.14
C GLN A 31 -14.20 -6.16 -14.12
N GLN A 32 -13.32 -5.27 -14.60
CA GLN A 32 -12.33 -5.65 -15.60
C GLN A 32 -10.98 -5.05 -15.22
N GLY A 33 -9.91 -5.79 -15.50
CA GLY A 33 -8.57 -5.38 -15.12
C GLY A 33 -7.65 -5.24 -16.31
N PHE A 34 -6.59 -4.45 -16.18
CA PHE A 34 -5.67 -4.16 -17.27
C PHE A 34 -4.27 -4.06 -16.71
N THR A 35 -3.28 -4.54 -17.48
CA THR A 35 -1.89 -4.47 -17.02
C THR A 35 -0.95 -4.54 -18.22
N ASN A 36 0.23 -3.93 -18.05
CA ASN A 36 1.26 -4.02 -19.08
C ASN A 36 1.88 -5.42 -19.15
N ASN A 37 1.96 -6.13 -18.03
CA ASN A 37 2.65 -7.41 -17.97
C ASN A 37 1.89 -8.32 -17.01
N LEU A 38 1.17 -9.30 -17.57
CA LEU A 38 0.34 -10.19 -16.75
C LEU A 38 1.19 -11.02 -15.79
N LYS A 39 2.35 -11.50 -16.24
CA LYS A 39 3.23 -12.28 -15.37
C LYS A 39 3.64 -11.50 -14.13
N ARG A 40 4.31 -10.36 -14.32
CA ARG A 40 4.79 -9.58 -13.17
C ARG A 40 3.63 -9.07 -12.32
N ALA A 41 2.45 -8.90 -12.92
CA ALA A 41 1.27 -8.53 -12.16
C ALA A 41 0.93 -9.56 -11.08
N ASN A 42 1.31 -10.82 -11.29
CA ASN A 42 1.06 -11.89 -10.34
C ASN A 42 2.34 -12.38 -9.65
N GLN A 43 3.42 -11.61 -9.74
CA GLN A 43 4.66 -11.91 -9.05
C GLN A 43 4.66 -11.29 -7.65
N ALA A 44 4.89 -12.11 -6.64
CA ALA A 44 4.83 -11.66 -5.25
C ALA A 44 6.16 -11.03 -4.82
N PHE A 45 6.06 -9.94 -4.06
CA PHE A 45 7.22 -9.26 -3.48
C PHE A 45 6.95 -8.97 -2.01
N LEU A 46 8.02 -8.65 -1.29
CA LEU A 46 7.88 -8.07 0.04
C LEU A 46 6.96 -6.84 -0.02
N PRO A 47 5.99 -6.72 0.88
CA PRO A 47 5.12 -5.53 0.86
C PRO A 47 5.81 -4.25 1.29
N ALA A 48 6.85 -4.35 2.12
CA ALA A 48 7.58 -3.20 2.68
C ALA A 48 6.56 -2.26 3.35
N SER A 49 6.64 -0.95 3.13
CA SER A 49 5.77 -0.01 3.83
C SER A 49 4.31 -0.09 3.40
N THR A 50 3.97 -0.81 2.33
CA THR A 50 2.56 -1.00 2.02
C THR A 50 1.85 -1.86 3.06
N PHE A 51 2.59 -2.66 3.82
CA PHE A 51 2.04 -3.38 4.96
C PHE A 51 1.46 -2.46 6.03
N ALA A 52 1.75 -1.15 5.98
CA ALA A 52 1.15 -0.22 6.92
C ALA A 52 -0.38 -0.26 6.87
N ILE A 53 -0.96 -0.64 5.73
CA ILE A 53 -2.42 -0.70 5.63
C ILE A 53 -2.96 -1.85 6.49
N PRO A 54 -2.64 -3.13 6.21
CA PRO A 54 -3.13 -4.18 7.12
C PRO A 54 -2.71 -4.00 8.56
N ASN A 55 -1.49 -3.53 8.80
CA ASN A 55 -1.00 -3.35 10.16
C ASN A 55 -1.84 -2.34 10.92
N SER A 56 -2.18 -1.21 10.29
CA SER A 56 -2.98 -0.18 10.96
C SER A 56 -4.39 -0.67 11.22
N LEU A 57 -4.96 -1.46 10.31
CA LEU A 57 -6.30 -2.00 10.52
C LEU A 57 -6.36 -2.87 11.76
N ILE A 58 -5.40 -3.78 11.90
CA ILE A 58 -5.40 -4.70 13.04
C ILE A 58 -5.16 -3.93 14.33
N ALA A 59 -4.25 -2.96 14.30
CA ALA A 59 -3.97 -2.16 15.49
C ALA A 59 -5.20 -1.41 15.96
N LEU A 60 -5.95 -0.80 15.03
CA LEU A 60 -7.17 -0.10 15.41
C LEU A 60 -8.22 -1.05 15.95
N ASP A 61 -8.44 -2.18 15.26
CA ASP A 61 -9.48 -3.11 15.70
C ASP A 61 -9.19 -3.70 17.07
N LEU A 62 -7.90 -3.83 17.41
CA LEU A 62 -7.50 -4.41 18.70
C LEU A 62 -7.31 -3.36 19.79
N GLY A 63 -7.51 -2.08 19.49
CA GLY A 63 -7.36 -1.03 20.48
C GLY A 63 -5.95 -0.55 20.69
N VAL A 64 -4.98 -1.10 19.96
CA VAL A 64 -3.60 -0.62 20.04
C VAL A 64 -3.52 0.84 19.60
N VAL A 65 -4.34 1.23 18.62
CA VAL A 65 -4.49 2.61 18.21
C VAL A 65 -5.94 3.01 18.45
N LYS A 66 -6.15 4.17 19.07
CA LYS A 66 -7.50 4.60 19.38
C LYS A 66 -8.17 5.27 18.19
N ASP A 67 -7.46 6.15 17.50
CA ASP A 67 -7.98 6.90 16.36
C ASP A 67 -6.80 7.57 15.66
N GLU A 68 -7.11 8.33 14.61
CA GLU A 68 -6.09 8.86 13.72
C GLU A 68 -5.35 10.06 14.28
N HIS A 69 -5.74 10.56 15.46
CA HIS A 69 -5.06 11.69 16.08
C HIS A 69 -4.34 11.34 17.38
N GLN A 70 -4.48 10.10 17.85
CA GLN A 70 -3.73 9.65 19.02
C GLN A 70 -2.23 9.73 18.77
N VAL A 71 -1.50 10.25 19.76
CA VAL A 71 -0.07 10.53 19.62
C VAL A 71 0.72 9.29 20.04
N PHE A 72 1.63 8.85 19.18
CA PHE A 72 2.62 7.84 19.52
C PHE A 72 3.96 8.54 19.79
N LYS A 73 4.40 8.50 21.03
CA LYS A 73 5.61 9.20 21.44
C LYS A 73 6.83 8.56 20.81
N TRP A 74 7.73 9.39 20.28
CA TRP A 74 9.01 8.90 19.78
C TRP A 74 9.81 8.29 20.92
N ASP A 75 10.42 7.13 20.65
CA ASP A 75 11.16 6.39 21.67
C ASP A 75 12.51 6.99 22.02
N GLY A 76 12.92 8.08 21.38
CA GLY A 76 14.17 8.72 21.71
C GLY A 76 15.41 8.16 21.06
N GLN A 77 15.27 7.14 20.21
CA GLN A 77 16.37 6.65 19.40
C GLN A 77 16.35 7.36 18.05
N THR A 78 17.45 8.04 17.71
CA THR A 78 17.53 8.79 16.48
C THR A 78 17.88 7.86 15.34
N ARG A 79 17.06 7.86 14.30
CA ARG A 79 17.29 7.02 13.14
C ARG A 79 17.59 7.90 11.92
N ASP A 80 17.96 7.23 10.82
CA ASP A 80 18.55 7.96 9.70
C ASP A 80 17.52 8.84 8.98
N ILE A 81 16.29 8.36 8.83
CA ILE A 81 15.24 9.17 8.25
C ILE A 81 14.85 10.26 9.23
N ALA A 82 15.08 11.52 8.85
CA ALA A 82 14.89 12.63 9.79
C ALA A 82 13.45 12.73 10.26
N THR A 83 12.49 12.50 9.36
CA THR A 83 11.07 12.61 9.70
C THR A 83 10.64 11.63 10.79
N TRP A 84 11.35 10.51 10.97
CA TRP A 84 10.96 9.51 11.95
C TRP A 84 11.20 9.94 13.39
N ASN A 85 12.20 10.80 13.63
CA ASN A 85 12.63 11.15 14.99
C ASN A 85 11.77 12.26 15.60
N ARG A 86 10.51 11.91 15.89
CA ARG A 86 9.53 12.87 16.40
C ARG A 86 8.25 12.12 16.73
N ASP A 87 7.34 12.81 17.42
CA ASP A 87 6.02 12.26 17.71
C ASP A 87 5.21 12.18 16.43
N HIS A 88 4.40 11.12 16.31
CA HIS A 88 3.56 10.91 15.13
C HIS A 88 2.16 10.48 15.56
N ASN A 89 1.20 10.71 14.66
CA ASN A 89 -0.09 10.06 14.73
C ASN A 89 -0.25 9.13 13.52
N LEU A 90 -1.44 8.53 13.37
CA LEU A 90 -1.65 7.60 12.26
C LEU A 90 -1.53 8.29 10.91
N ILE A 91 -2.00 9.54 10.81
CA ILE A 91 -1.91 10.27 9.54
C ILE A 91 -0.46 10.43 9.11
N THR A 92 0.37 10.99 9.99
CA THR A 92 1.76 11.27 9.63
C THR A 92 2.62 10.01 9.63
N ALA A 93 2.27 8.99 10.42
CA ALA A 93 2.98 7.71 10.32
C ALA A 93 2.83 7.10 8.93
N MET A 94 1.66 7.25 8.33
CA MET A 94 1.44 6.71 6.99
C MET A 94 2.14 7.58 5.95
N LYS A 95 1.99 8.90 6.06
CA LYS A 95 2.61 9.81 5.09
C LYS A 95 4.12 9.65 5.04
N TYR A 96 4.78 9.55 6.20
CA TYR A 96 6.22 9.46 6.26
C TYR A 96 6.76 8.03 6.40
N SER A 97 5.89 7.02 6.30
CA SER A 97 6.29 5.61 6.38
C SER A 97 7.18 5.32 7.60
N VAL A 98 6.67 5.65 8.78
CA VAL A 98 7.47 5.67 9.99
C VAL A 98 7.57 4.27 10.58
N VAL A 99 8.60 3.52 10.17
CA VAL A 99 8.72 2.11 10.55
C VAL A 99 8.68 1.88 12.06
N PRO A 100 9.41 2.65 12.90
CA PRO A 100 9.37 2.38 14.35
C PRO A 100 7.97 2.35 14.94
N VAL A 101 7.05 3.15 14.41
CA VAL A 101 5.68 3.14 14.91
C VAL A 101 4.99 1.81 14.56
N TYR A 102 5.18 1.35 13.32
CA TYR A 102 4.53 0.11 12.89
C TYR A 102 5.15 -1.12 13.54
N GLN A 103 6.45 -1.09 13.83
CA GLN A 103 7.06 -2.16 14.61
C GLN A 103 6.45 -2.23 16.00
N GLU A 104 6.19 -1.08 16.61
CA GLU A 104 5.52 -1.05 17.90
C GLU A 104 4.10 -1.61 17.82
N PHE A 105 3.35 -1.22 16.77
CA PHE A 105 2.05 -1.84 16.52
C PHE A 105 2.16 -3.35 16.51
N ALA A 106 3.10 -3.88 15.71
CA ALA A 106 3.20 -5.33 15.53
C ALA A 106 3.54 -6.05 16.83
N ARG A 107 4.45 -5.47 17.62
CA ARG A 107 4.78 -6.07 18.91
C ARG A 107 3.56 -6.16 19.82
N GLN A 108 2.77 -5.09 19.91
CA GLN A 108 1.57 -5.11 20.73
C GLN A 108 0.53 -6.08 20.20
N ILE A 109 0.42 -6.19 18.87
CA ILE A 109 -0.52 -7.15 18.28
C ILE A 109 -0.11 -8.57 18.64
N GLY A 110 1.17 -8.89 18.46
CA GLY A 110 1.69 -10.22 18.74
C GLY A 110 1.60 -11.15 17.53
N GLU A 111 2.43 -12.20 17.58
CA GLU A 111 2.48 -13.14 16.45
C GLU A 111 1.15 -13.86 16.26
N ALA A 112 0.53 -14.30 17.35
CA ALA A 112 -0.69 -15.09 17.25
C ALA A 112 -1.82 -14.28 16.60
N ARG A 113 -2.07 -13.08 17.12
CA ARG A 113 -3.15 -12.27 16.57
C ARG A 113 -2.82 -11.79 15.16
N MET A 114 -1.55 -11.44 14.90
CA MET A 114 -1.14 -11.03 13.56
C MET A 114 -1.44 -12.13 12.53
N SER A 115 -0.99 -13.35 12.80
CA SER A 115 -1.14 -14.43 11.81
C SER A 115 -2.61 -14.73 11.54
N LYS A 116 -3.42 -14.81 12.60
CA LYS A 116 -4.86 -15.05 12.43
C LYS A 116 -5.51 -13.95 11.62
N MET A 117 -5.15 -12.69 11.89
CA MET A 117 -5.81 -11.58 11.21
C MET A 117 -5.43 -11.52 9.73
N LEU A 118 -4.16 -11.78 9.41
CA LEU A 118 -3.75 -11.79 8.01
C LEU A 118 -4.43 -12.90 7.25
N HIS A 119 -4.65 -14.05 7.91
CA HIS A 119 -5.39 -15.13 7.25
C HIS A 119 -6.83 -14.71 6.98
N ALA A 120 -7.48 -14.08 7.97
CA ALA A 120 -8.84 -13.61 7.78
C ALA A 120 -8.92 -12.55 6.69
N PHE A 121 -7.81 -11.85 6.43
CA PHE A 121 -7.76 -10.85 5.36
C PHE A 121 -7.41 -11.47 4.01
N ASP A 122 -6.97 -12.73 4.01
CA ASP A 122 -6.48 -13.40 2.81
C ASP A 122 -5.35 -12.59 2.16
N TYR A 123 -4.48 -12.04 3.00
CA TYR A 123 -3.42 -11.12 2.58
C TYR A 123 -2.17 -11.90 2.14
N GLY A 124 -1.84 -11.80 0.85
CA GLY A 124 -0.62 -12.39 0.31
C GLY A 124 -0.51 -13.86 0.62
N ASN A 125 0.69 -14.27 1.05
CA ASN A 125 0.95 -15.68 1.35
C ASN A 125 0.66 -16.01 2.81
N GLU A 126 0.38 -15.00 3.63
CA GLU A 126 -0.03 -15.17 5.03
C GLU A 126 1.07 -15.78 5.90
N ASP A 127 2.32 -15.40 5.64
CA ASP A 127 3.49 -15.96 6.31
C ASP A 127 4.21 -14.85 7.07
N ILE A 128 4.18 -14.92 8.41
CA ILE A 128 4.74 -13.86 9.25
C ILE A 128 6.16 -14.17 9.72
N SER A 129 6.82 -15.18 9.14
CA SER A 129 8.15 -15.56 9.60
C SER A 129 9.14 -14.44 9.32
N GLY A 130 10.08 -14.22 10.24
CA GLY A 130 9.96 -14.67 11.61
C GLY A 130 9.96 -13.61 12.71
N ASN A 131 10.50 -12.42 12.46
CA ASN A 131 10.43 -11.35 13.45
C ASN A 131 9.06 -10.69 13.35
N VAL A 132 8.35 -10.63 14.48
CA VAL A 132 7.01 -10.05 14.48
C VAL A 132 7.06 -8.57 14.13
N ASP A 133 8.14 -7.89 14.50
CA ASP A 133 8.26 -6.45 14.26
C ASP A 133 8.98 -6.12 12.96
N SER A 134 9.45 -7.12 12.21
CA SER A 134 10.14 -6.81 10.97
C SER A 134 9.85 -7.78 9.83
N PHE A 135 8.84 -8.65 9.95
CA PHE A 135 8.66 -9.67 8.91
C PHE A 135 8.24 -9.05 7.58
N TRP A 136 7.50 -7.93 7.61
CA TRP A 136 7.06 -7.34 6.35
C TRP A 136 8.20 -6.65 5.61
N LEU A 137 9.34 -6.45 6.28
CA LEU A 137 10.51 -5.83 5.68
C LEU A 137 11.58 -6.84 5.25
N ASP A 138 11.85 -7.85 6.08
CA ASP A 138 12.92 -8.80 5.77
C ASP A 138 12.55 -10.24 6.14
N GLY A 139 11.27 -10.54 6.25
CA GLY A 139 10.80 -11.88 6.54
C GLY A 139 10.25 -12.59 5.33
N GLY A 140 9.23 -13.43 5.54
CA GLY A 140 8.70 -14.24 4.46
C GLY A 140 7.38 -13.84 3.85
N ILE A 141 6.74 -12.76 4.31
CA ILE A 141 5.48 -12.37 3.73
C ILE A 141 5.71 -11.78 2.36
N ARG A 142 4.87 -12.17 1.39
CA ARG A 142 4.97 -11.66 0.03
C ARG A 142 3.56 -11.46 -0.51
N ILE A 143 3.43 -10.46 -1.38
CA ILE A 143 2.15 -10.15 -1.99
C ILE A 143 2.40 -9.65 -3.41
N SER A 144 1.49 -9.98 -4.31
CA SER A 144 1.57 -9.56 -5.71
C SER A 144 0.67 -8.35 -5.94
N ALA A 145 0.81 -7.75 -7.11
CA ALA A 145 0.02 -6.56 -7.43
C ALA A 145 -1.47 -6.90 -7.51
N THR A 146 -1.82 -8.04 -8.10
CA THR A 146 -3.23 -8.41 -8.19
C THR A 146 -3.80 -8.77 -6.82
N GLU A 147 -2.98 -9.37 -5.94
CA GLU A 147 -3.42 -9.62 -4.58
C GLU A 147 -3.57 -8.33 -3.78
N GLN A 148 -2.75 -7.32 -4.06
CA GLN A 148 -2.95 -6.02 -3.43
C GLN A 148 -4.31 -5.44 -3.79
N ILE A 149 -4.68 -5.51 -5.07
CA ILE A 149 -5.98 -5.00 -5.51
C ILE A 149 -7.11 -5.78 -4.86
N SER A 150 -6.96 -7.10 -4.76
CA SER A 150 -7.96 -7.92 -4.08
C SER A 150 -8.17 -7.47 -2.65
N PHE A 151 -7.07 -7.22 -1.92
CA PHE A 151 -7.16 -6.71 -0.56
C PHE A 151 -7.79 -5.31 -0.53
N LEU A 152 -7.40 -4.45 -1.46
CA LEU A 152 -7.88 -3.07 -1.44
C LEU A 152 -9.37 -2.98 -1.75
N ARG A 153 -9.87 -3.82 -2.67
CA ARG A 153 -11.30 -3.82 -2.97
C ARG A 153 -12.13 -4.13 -1.74
N LYS A 154 -11.70 -5.10 -0.94
CA LYS A 154 -12.42 -5.41 0.29
C LYS A 154 -12.41 -4.24 1.26
N LEU A 155 -11.28 -3.55 1.37
CA LEU A 155 -11.20 -2.39 2.25
C LEU A 155 -12.12 -1.28 1.78
N TYR A 156 -12.16 -1.04 0.47
CA TYR A 156 -13.00 0.03 -0.06
C TYR A 156 -14.47 -0.21 0.28
N HIS A 157 -14.92 -1.47 0.22
CA HIS A 157 -16.31 -1.82 0.44
C HIS A 157 -16.63 -2.12 1.90
N ASN A 158 -15.68 -1.88 2.81
CA ASN A 158 -15.83 -2.20 4.24
C ASN A 158 -16.13 -3.68 4.47
N LYS A 159 -15.55 -4.55 3.64
CA LYS A 159 -15.82 -5.97 3.69
C LYS A 159 -14.70 -6.79 4.31
N LEU A 160 -13.67 -6.14 4.85
CA LEU A 160 -12.64 -6.88 5.57
C LEU A 160 -13.15 -7.32 6.94
N HIS A 161 -12.53 -8.37 7.48
CA HIS A 161 -12.97 -8.97 8.74
C HIS A 161 -12.47 -8.18 9.95
N VAL A 162 -12.83 -6.89 9.96
CA VAL A 162 -12.56 -5.98 11.07
C VAL A 162 -13.71 -4.98 11.10
N SER A 163 -13.75 -4.15 12.14
CA SER A 163 -14.85 -3.20 12.28
C SER A 163 -14.89 -2.24 11.08
N GLU A 164 -16.10 -1.81 10.74
CA GLU A 164 -16.26 -0.75 9.74
C GLU A 164 -15.50 0.51 10.15
N ARG A 165 -15.51 0.83 11.45
CA ARG A 165 -14.82 2.01 11.93
C ARG A 165 -13.32 1.95 11.67
N SER A 166 -12.70 0.79 11.97
CA SER A 166 -11.27 0.63 11.68
C SER A 166 -10.98 0.86 10.20
N GLN A 167 -11.87 0.40 9.32
CA GLN A 167 -11.62 0.50 7.90
C GLN A 167 -11.76 1.94 7.42
N ARG A 168 -12.76 2.66 7.92
CA ARG A 168 -12.90 4.08 7.55
C ARG A 168 -11.70 4.90 8.00
N ILE A 169 -11.19 4.62 9.21
CA ILE A 169 -10.06 5.40 9.72
C ILE A 169 -8.81 5.16 8.88
N VAL A 170 -8.56 3.91 8.49
CA VAL A 170 -7.39 3.63 7.66
C VAL A 170 -7.54 4.28 6.28
N LYS A 171 -8.74 4.20 5.69
CA LYS A 171 -8.98 4.86 4.42
C LYS A 171 -8.79 6.38 4.53
N GLN A 172 -9.16 6.96 5.67
CA GLN A 172 -8.84 8.37 5.92
C GLN A 172 -7.34 8.59 5.88
N ALA A 173 -6.59 7.77 6.62
CA ALA A 173 -5.14 7.92 6.70
C ALA A 173 -4.44 7.64 5.37
N MET A 174 -5.08 6.90 4.47
CA MET A 174 -4.51 6.67 3.14
C MET A 174 -4.61 7.87 2.20
N LEU A 175 -5.37 8.91 2.56
CA LEU A 175 -5.55 10.06 1.69
C LEU A 175 -4.20 10.63 1.23
N THR A 176 -4.04 10.75 -0.08
CA THR A 176 -2.81 11.25 -0.67
C THR A 176 -3.00 12.49 -1.53
N GLU A 177 -4.09 12.56 -2.30
CA GLU A 177 -4.30 13.64 -3.26
C GLU A 177 -5.80 13.78 -3.53
N ALA A 178 -6.23 15.02 -3.76
CA ALA A 178 -7.63 15.29 -4.05
C ALA A 178 -7.75 16.64 -4.74
N ASN A 179 -8.58 16.70 -5.77
CA ASN A 179 -8.94 17.96 -6.43
C ASN A 179 -10.39 17.85 -6.90
N GLY A 180 -10.78 18.73 -7.82
CA GLY A 180 -12.14 18.77 -8.31
C GLY A 180 -12.52 17.62 -9.21
N ASP A 181 -11.56 16.78 -9.59
CA ASP A 181 -11.80 15.69 -10.54
C ASP A 181 -11.62 14.29 -9.95
N TYR A 182 -10.81 14.13 -8.90
CA TYR A 182 -10.53 12.79 -8.39
C TYR A 182 -9.98 12.86 -6.97
N ILE A 183 -10.00 11.70 -6.31
CA ILE A 183 -9.40 11.48 -5.00
C ILE A 183 -8.51 10.25 -5.10
N ILE A 184 -7.28 10.33 -4.59
CA ILE A 184 -6.38 9.19 -4.53
C ILE A 184 -6.11 8.84 -3.07
N ARG A 185 -6.45 7.61 -2.69
CA ARG A 185 -6.01 7.02 -1.43
C ARG A 185 -5.06 5.89 -1.75
N ALA A 186 -3.88 5.89 -1.13
CA ALA A 186 -2.80 5.01 -1.57
C ALA A 186 -1.70 4.96 -0.51
N LYS A 187 -0.72 4.08 -0.76
CA LYS A 187 0.41 3.86 0.14
C LYS A 187 1.62 3.45 -0.66
N THR A 188 2.75 4.12 -0.40
CA THR A 188 4.04 3.86 -1.04
C THR A 188 4.86 2.81 -0.26
N GLY A 189 5.81 2.19 -0.96
CA GLY A 189 6.73 1.26 -0.33
C GLY A 189 8.05 1.20 -1.07
N TYR A 190 9.12 0.91 -0.32
CA TYR A 190 10.47 0.85 -0.89
C TYR A 190 11.34 -0.02 0.01
N ASP A 191 12.02 -1.02 -0.57
CA ASP A 191 12.84 -1.95 0.20
C ASP A 191 14.29 -2.01 -0.28
N THR A 192 14.74 -1.00 -1.02
CA THR A 192 16.06 -0.81 -1.61
C THR A 192 16.21 -1.61 -2.90
N LYS A 193 15.30 -2.54 -3.21
CA LYS A 193 15.30 -3.25 -4.48
C LYS A 193 14.12 -2.92 -5.37
N ILE A 194 12.91 -2.80 -4.80
CA ILE A 194 11.71 -2.52 -5.58
C ILE A 194 10.89 -1.42 -4.89
N GLY A 195 10.06 -0.76 -5.67
CA GLY A 195 9.24 0.33 -5.18
C GLY A 195 7.78 0.06 -5.48
N TRP A 196 6.91 0.41 -4.53
CA TRP A 196 5.48 0.11 -4.61
C TRP A 196 4.65 1.40 -4.62
N TRP A 197 3.49 1.34 -5.27
CA TRP A 197 2.44 2.34 -5.08
C TRP A 197 1.11 1.63 -5.32
N VAL A 198 0.32 1.45 -4.25
CA VAL A 198 -0.96 0.74 -4.31
C VAL A 198 -2.06 1.62 -3.74
N GLY A 199 -3.22 1.62 -4.39
CA GLY A 199 -4.36 2.37 -3.89
C GLY A 199 -5.52 2.38 -4.87
N TRP A 200 -6.25 3.50 -4.89
CA TRP A 200 -7.36 3.63 -5.81
C TRP A 200 -7.62 5.10 -6.13
N VAL A 201 -8.34 5.32 -7.23
CA VAL A 201 -8.76 6.64 -7.68
C VAL A 201 -10.28 6.71 -7.63
N GLU A 202 -10.81 7.59 -6.79
CA GLU A 202 -12.26 7.76 -6.68
C GLU A 202 -12.73 8.82 -7.66
N LEU A 203 -13.75 8.49 -8.44
CA LEU A 203 -14.40 9.39 -9.37
C LEU A 203 -15.84 9.65 -8.92
N ASP A 204 -16.53 10.52 -9.67
CA ASP A 204 -17.93 10.81 -9.37
C ASP A 204 -18.77 9.54 -9.35
N ASP A 205 -18.54 8.64 -10.31
CA ASP A 205 -19.44 7.51 -10.51
C ASP A 205 -18.70 6.17 -10.62
N ASN A 206 -17.42 6.11 -10.28
CA ASN A 206 -16.67 4.87 -10.41
C ASN A 206 -15.45 4.96 -9.51
N VAL A 207 -14.77 3.82 -9.36
CA VAL A 207 -13.47 3.75 -8.70
C VAL A 207 -12.55 2.88 -9.54
N TRP A 208 -11.31 3.33 -9.70
CA TRP A 208 -10.26 2.56 -10.36
C TRP A 208 -9.21 2.20 -9.33
N PHE A 209 -9.06 0.91 -9.05
CA PHE A 209 -8.02 0.44 -8.16
C PHE A 209 -6.71 0.31 -8.93
N PHE A 210 -5.60 0.54 -8.24
CA PHE A 210 -4.32 0.36 -8.89
C PHE A 210 -3.30 -0.25 -7.94
N ALA A 211 -2.35 -0.97 -8.53
CA ALA A 211 -1.18 -1.50 -7.86
C ALA A 211 -0.04 -1.44 -8.87
N MET A 212 1.08 -0.86 -8.48
CA MET A 212 2.26 -0.87 -9.32
C MET A 212 3.49 -1.18 -8.51
N ASN A 213 4.48 -1.78 -9.17
CA ASN A 213 5.82 -1.87 -8.61
C ASN A 213 6.83 -1.80 -9.75
N MET A 214 8.07 -1.48 -9.39
CA MET A 214 9.13 -1.29 -10.37
C MET A 214 10.46 -1.53 -9.69
N ASP A 215 11.47 -1.84 -10.51
CA ASP A 215 12.82 -2.00 -9.99
C ASP A 215 13.35 -0.63 -9.57
N MET A 216 13.88 -0.55 -8.35
CA MET A 216 14.39 0.70 -7.78
C MET A 216 15.77 0.45 -7.20
N PRO A 217 16.81 0.38 -8.03
CA PRO A 217 18.14 0.06 -7.49
C PRO A 217 18.63 1.13 -6.52
N THR A 218 18.34 2.39 -6.80
CA THR A 218 18.79 3.52 -5.98
C THR A 218 17.60 4.42 -5.67
N SER A 219 17.70 5.14 -4.55
CA SER A 219 16.66 6.08 -4.13
C SER A 219 16.43 7.21 -5.13
N ASP A 220 17.29 7.33 -6.14
CA ASP A 220 17.26 8.46 -7.07
C ASP A 220 15.86 8.73 -7.61
N GLY A 221 15.16 7.68 -8.04
CA GLY A 221 13.95 7.86 -8.79
C GLY A 221 12.69 7.36 -8.11
N LEU A 222 12.64 7.41 -6.77
CA LEU A 222 11.43 7.02 -6.05
C LEU A 222 10.20 7.74 -6.58
N GLY A 223 10.36 8.98 -7.02
CA GLY A 223 9.25 9.74 -7.58
C GLY A 223 8.63 9.13 -8.83
N LEU A 224 9.37 8.27 -9.52
CA LEU A 224 8.81 7.61 -10.71
C LEU A 224 7.63 6.71 -10.39
N ARG A 225 7.49 6.26 -9.14
CA ARG A 225 6.35 5.43 -8.79
C ARG A 225 5.03 6.15 -9.05
N GLN A 226 4.89 7.36 -8.51
CA GLN A 226 3.68 8.15 -8.76
C GLN A 226 3.62 8.66 -10.18
N ALA A 227 4.76 9.10 -10.74
CA ALA A 227 4.76 9.73 -12.06
C ALA A 227 4.32 8.74 -13.14
N ILE A 228 4.91 7.54 -13.15
CA ILE A 228 4.55 6.53 -14.13
C ILE A 228 3.07 6.16 -14.02
N THR A 229 2.58 5.98 -12.78
CA THR A 229 1.19 5.62 -12.57
C THR A 229 0.25 6.68 -13.15
N LYS A 230 0.50 7.94 -12.82
CA LYS A 230 -0.34 9.02 -13.31
C LYS A 230 -0.31 9.14 -14.83
N GLU A 231 0.82 8.84 -15.46
CA GLU A 231 0.88 8.88 -16.92
C GLU A 231 -0.01 7.82 -17.54
N VAL A 232 -0.10 6.64 -16.93
CA VAL A 232 -1.01 5.63 -17.43
C VAL A 232 -2.46 6.07 -17.24
N LEU A 233 -2.78 6.58 -16.05
CA LEU A 233 -4.13 7.09 -15.79
C LEU A 233 -4.51 8.17 -16.79
N LYS A 234 -3.58 9.07 -17.11
CA LYS A 234 -3.84 10.10 -18.11
C LYS A 234 -4.09 9.49 -19.48
N GLN A 235 -3.23 8.56 -19.90
CA GLN A 235 -3.40 7.90 -21.20
C GLN A 235 -4.77 7.24 -21.31
N GLU A 236 -5.24 6.61 -20.24
CA GLU A 236 -6.51 5.90 -20.27
C GLU A 236 -7.70 6.81 -19.98
N LYS A 237 -7.48 8.13 -19.89
CA LYS A 237 -8.54 9.11 -19.66
C LYS A 237 -9.27 8.86 -18.34
N ILE A 238 -8.55 8.37 -17.34
CA ILE A 238 -9.13 8.22 -16.01
C ILE A 238 -9.07 9.53 -15.24
N ILE A 239 -7.97 10.27 -15.38
CA ILE A 239 -7.85 11.60 -14.79
C ILE A 239 -7.50 12.58 -15.90
N PRO A 240 -7.83 13.88 -15.76
CA PRO A 240 -7.49 14.86 -16.80
C PRO A 240 -5.99 15.02 -17.02
C7 IM2 B . 8.89 1.28 3.18
C2 IM2 B . 10.80 5.25 2.25
C6 IM2 B . 10.12 2.09 3.52
C5 IM2 B . 9.77 3.58 3.68
C3 IM2 B . 9.55 4.94 1.77
O7 IM2 B . 8.78 0.74 2.13
C61 IM2 B . 11.00 1.51 4.64
O62 IM2 B . 12.30 1.24 4.11
C62 IM2 B . 10.41 0.24 5.23
N4 IM2 B . 8.94 4.00 2.56
C31 IM2 B . 8.88 5.41 0.55
O31 IM2 B . 7.81 4.75 0.19
O32 IM2 B . 9.32 6.37 -0.06
S21 IM2 B . 12.03 6.30 1.57
C22 IM2 B . 12.65 7.25 3.00
C23 IM2 B . 12.66 8.70 2.50
N24 IM2 B . 11.39 9.06 1.88
C25 IM2 B . 11.31 9.55 0.62
N26 IM2 B . 10.15 9.86 0.12
C1 IM2 B . 11.01 4.47 3.52
CL CL C . -11.42 11.05 4.28
ZN ZN D . -15.31 -14.07 12.29
#